data_2IT0
#
_entry.id   2IT0
#
_cell.length_a   54.009
_cell.length_b   70.363
_cell.length_c   79.569
_cell.angle_alpha   108.950
_cell.angle_beta   103.080
_cell.angle_gamma   94.840
#
_symmetry.space_group_name_H-M   'P 1'
#
loop_
_entity.id
_entity.type
_entity.pdbx_description
1 polymer 'mbtA/mbtB operator strand 1'
2 polymer 'mbtA/mbtB operator strand 2'
3 polymer 'Iron-dependent repressor ideR'
4 non-polymer 'NICKEL (II) ION'
5 non-polymer 'ACETATE ION'
6 water water
#
loop_
_entity_poly.entity_id
_entity_poly.type
_entity_poly.pdbx_seq_one_letter_code
_entity_poly.pdbx_strand_id
1 'polydeoxyribonucleotide'
;(DC)(DC)(DC)(DT)(DG)(DT)(DT)(DA)(DG)(DC)(DA)(DC)(DA)(DG)(DG)(DC)(DT)(DG)(DC)(DC)
(DC)(DT)(DA)(DA)(DT)(DT)(DT)(DT)(DA)(DG)(DT)(DG)(DG)
;
E
2 'polydeoxyribonucleotide'
;(DC)(DA)(DC)(DT)(DA)(DA)(DA)(DA)(DT)(DT)(DA)(DG)(DG)(DG)(DC)(DA)(DG)(DC)(DC)(DT)
(DG)(DT)(DG)(DC)(DT)(DA)(DA)(DC)(DA)(DG)(DG)(DG)(DC)
;
F
3 'polypeptide(L)'
;MNELVDTTEMYLRTIYDLEEEGVTPLRARIAERLDQSGPTVSQTVSRMERDGLLRVAGDRHLELTEKGRALAIAVMRKHR
LAERLLVDVIGLPWEEVHAEACRWEHVMSEDVERRLVKVLNNPTTSPFGNPIPGLVELGVASENLYFQGGGHHHHHH
;
A,B,C,D
#
# COMPACT_ATOMS: atom_id res chain seq x y z
N GLU C 3 -7.31 0.47 -12.64
CA GLU C 3 -8.43 1.35 -12.18
C GLU C 3 -8.45 2.70 -12.90
N LEU C 4 -7.30 3.38 -12.89
CA LEU C 4 -7.14 4.64 -13.59
C LEU C 4 -6.62 4.35 -14.99
N VAL C 5 -6.34 3.07 -15.23
CA VAL C 5 -5.77 2.59 -16.50
C VAL C 5 -4.30 3.01 -16.65
N ASP C 6 -4.01 4.29 -16.45
CA ASP C 6 -2.62 4.76 -16.40
C ASP C 6 -2.54 5.91 -15.39
N THR C 7 -1.90 5.66 -14.26
CA THR C 7 -1.84 6.63 -13.16
C THR C 7 -1.26 7.97 -13.62
N THR C 8 -0.01 7.91 -14.10
CA THR C 8 0.69 9.11 -14.54
C THR C 8 -0.19 10.02 -15.37
N GLU C 9 -0.69 9.49 -16.48
CA GLU C 9 -1.53 10.29 -17.38
C GLU C 9 -2.74 10.89 -16.69
N MET C 10 -3.26 10.20 -15.69
CA MET C 10 -4.44 10.74 -15.02
C MET C 10 -4.03 11.93 -14.17
N TYR C 11 -2.90 11.79 -13.49
CA TYR C 11 -2.33 12.91 -12.76
C TYR C 11 -2.12 14.11 -13.67
N LEU C 12 -1.35 13.92 -14.74
CA LEU C 12 -1.08 14.98 -15.71
C LEU C 12 -2.37 15.66 -16.13
N ARG C 13 -3.33 14.84 -16.54
CA ARG C 13 -4.59 15.36 -17.07
C ARG C 13 -5.34 16.10 -15.97
N THR C 14 -5.27 15.59 -14.74
CA THR C 14 -6.02 16.23 -13.67
C THR C 14 -5.45 17.61 -13.37
N ILE C 15 -4.12 17.72 -13.37
CA ILE C 15 -3.48 19.01 -13.13
C ILE C 15 -3.87 19.97 -14.25
N TYR C 16 -3.86 19.46 -15.48
CA TYR C 16 -4.26 20.24 -16.65
C TYR C 16 -5.69 20.71 -16.51
N ASP C 17 -6.56 19.82 -16.05
CA ASP C 17 -7.94 20.17 -15.74
C ASP C 17 -8.01 21.36 -14.78
N LEU C 18 -7.13 21.36 -13.78
CA LEU C 18 -7.13 22.38 -12.73
C LEU C 18 -6.63 23.74 -13.22
N GLU C 19 -5.77 23.73 -14.22
CA GLU C 19 -5.39 24.97 -14.89
C GLU C 19 -6.61 25.52 -15.60
N GLU C 20 -7.25 24.70 -16.41
CA GLU C 20 -8.45 25.14 -17.11
C GLU C 20 -9.40 25.86 -16.16
N GLU C 21 -9.79 25.22 -15.07
CA GLU C 21 -10.79 25.82 -14.19
C GLU C 21 -10.20 26.94 -13.34
N GLY C 22 -8.90 27.19 -13.47
CA GLY C 22 -8.22 28.17 -12.64
C GLY C 22 -8.26 27.90 -11.14
N VAL C 23 -8.09 26.64 -10.76
CA VAL C 23 -8.00 26.29 -9.35
C VAL C 23 -6.59 25.85 -9.00
N THR C 24 -6.10 26.31 -7.85
CA THR C 24 -4.72 26.12 -7.47
C THR C 24 -4.36 24.64 -7.44
N PRO C 25 -3.35 24.25 -8.22
CA PRO C 25 -2.95 22.87 -8.39
C PRO C 25 -2.15 22.34 -7.20
N LEU C 26 -2.86 21.77 -6.24
CA LEU C 26 -2.23 21.16 -5.08
C LEU C 26 -2.43 19.65 -5.10
N ARG C 27 -1.51 18.93 -4.48
CA ARG C 27 -1.66 17.49 -4.37
C ARG C 27 -3.03 17.15 -3.76
N ALA C 28 -3.54 18.02 -2.89
CA ALA C 28 -4.82 17.79 -2.21
C ALA C 28 -5.97 17.66 -3.19
N ARG C 29 -5.95 18.48 -4.24
CA ARG C 29 -6.96 18.42 -5.30
C ARG C 29 -6.99 17.02 -5.94
N ILE C 30 -5.82 16.51 -6.29
CA ILE C 30 -5.72 15.20 -6.92
C ILE C 30 -6.30 14.12 -6.00
N ALA C 31 -5.85 14.11 -4.76
CA ALA C 31 -6.39 13.20 -3.76
C ALA C 31 -7.94 13.15 -3.83
N GLU C 32 -8.57 14.33 -3.84
CA GLU C 32 -10.02 14.47 -3.88
C GLU C 32 -10.65 13.92 -5.14
N ARG C 33 -10.09 14.28 -6.29
CA ARG C 33 -10.71 14.01 -7.58
C ARG C 33 -10.52 12.58 -8.06
N LEU C 34 -9.45 11.95 -7.61
CA LEU C 34 -9.14 10.60 -8.03
C LEU C 34 -9.42 9.63 -6.90
N ASP C 35 -9.96 10.17 -5.80
CA ASP C 35 -10.25 9.41 -4.59
C ASP C 35 -9.06 8.55 -4.15
N GLN C 36 -7.93 9.20 -3.88
CA GLN C 36 -6.76 8.48 -3.41
C GLN C 36 -6.22 9.16 -2.18
N SER C 37 -5.55 8.41 -1.32
CA SER C 37 -4.96 8.95 -0.11
C SER C 37 -3.89 9.98 -0.44
N GLY C 38 -3.66 10.93 0.46
CA GLY C 38 -2.61 11.95 0.28
C GLY C 38 -1.22 11.37 0.07
N PRO C 39 -0.82 10.44 0.95
CA PRO C 39 0.47 9.77 0.79
C PRO C 39 0.64 9.09 -0.57
N THR C 40 -0.42 8.51 -1.12
CA THR C 40 -0.31 7.90 -2.44
C THR C 40 0.06 8.93 -3.50
N VAL C 41 -0.68 10.04 -3.56
CA VAL C 41 -0.44 11.01 -4.61
C VAL C 41 0.91 11.66 -4.40
N SER C 42 1.24 11.94 -3.15
CA SER C 42 2.54 12.48 -2.83
C SER C 42 3.65 11.60 -3.41
N GLN C 43 3.63 10.31 -3.08
CA GLN C 43 4.63 9.40 -3.61
C GLN C 43 4.64 9.36 -5.14
N THR C 44 3.46 9.41 -5.76
CA THR C 44 3.37 9.30 -7.20
C THR C 44 3.86 10.57 -7.88
N VAL C 45 3.64 11.69 -7.22
CA VAL C 45 4.05 12.99 -7.73
C VAL C 45 5.56 13.13 -7.70
N SER C 46 6.17 12.61 -6.64
CA SER C 46 7.62 12.52 -6.59
C SER C 46 8.14 11.77 -7.79
N ARG C 47 7.50 10.64 -8.09
CA ARG C 47 7.89 9.85 -9.22
C ARG C 47 7.89 10.67 -10.51
N MET C 48 6.81 11.40 -10.74
CA MET C 48 6.70 12.21 -11.95
C MET C 48 7.66 13.41 -11.93
N GLU C 49 8.03 13.88 -10.75
CA GLU C 49 9.03 14.95 -10.65
C GLU C 49 10.34 14.33 -11.12
N ARG C 50 10.63 13.17 -10.55
CA ARG C 50 11.85 12.43 -10.84
C ARG C 50 11.98 12.10 -12.31
N ASP C 51 10.86 12.08 -13.02
CA ASP C 51 10.87 11.73 -14.43
C ASP C 51 10.62 12.93 -15.35
N GLY C 52 10.81 14.13 -14.81
CA GLY C 52 10.72 15.37 -15.59
C GLY C 52 9.34 15.70 -16.13
N LEU C 53 8.30 15.17 -15.49
CA LEU C 53 6.93 15.46 -15.92
C LEU C 53 6.37 16.68 -15.23
N LEU C 54 6.89 17.01 -14.05
CA LEU C 54 6.45 18.20 -13.30
C LEU C 54 7.38 18.55 -12.15
N ARG C 55 7.18 19.72 -11.56
CA ARG C 55 7.90 20.11 -10.36
C ARG C 55 6.95 20.58 -9.28
N VAL C 56 7.39 20.40 -8.03
CA VAL C 56 6.63 20.82 -6.87
C VAL C 56 7.25 22.13 -6.41
N ALA C 57 6.55 23.24 -6.64
CA ALA C 57 7.05 24.55 -6.27
C ALA C 57 7.37 24.66 -4.76
N GLY C 58 8.07 25.73 -4.38
CA GLY C 58 8.37 26.01 -2.98
C GLY C 58 7.12 26.19 -2.13
N ASP C 59 6.08 26.75 -2.74
CA ASP C 59 4.77 26.89 -2.08
C ASP C 59 3.83 25.72 -2.40
N ARG C 60 4.41 24.61 -2.87
CA ARG C 60 3.68 23.34 -3.07
C ARG C 60 2.79 23.29 -4.32
N HIS C 61 2.75 24.40 -5.05
CA HIS C 61 2.08 24.43 -6.34
C HIS C 61 2.67 23.37 -7.28
N LEU C 62 1.81 22.60 -7.92
CA LEU C 62 2.24 21.62 -8.91
C LEU C 62 2.33 22.31 -10.26
N GLU C 63 3.52 22.25 -10.87
CA GLU C 63 3.72 22.92 -12.14
C GLU C 63 4.23 21.95 -13.17
N LEU C 64 3.50 21.85 -14.28
CA LEU C 64 3.89 20.99 -15.37
C LEU C 64 5.16 21.50 -16.03
N THR C 65 6.11 20.59 -16.27
CA THR C 65 7.25 20.91 -17.13
C THR C 65 6.79 20.85 -18.56
N GLU C 66 7.57 21.45 -19.47
CA GLU C 66 7.23 21.36 -20.88
C GLU C 66 6.92 19.92 -21.25
N LYS C 67 7.71 18.99 -20.74
CA LYS C 67 7.54 17.59 -21.09
C LYS C 67 6.21 17.06 -20.56
N GLY C 68 5.93 17.29 -19.29
CA GLY C 68 4.67 16.88 -18.71
C GLY C 68 3.48 17.51 -19.40
N ARG C 69 3.65 18.76 -19.84
CA ARG C 69 2.55 19.49 -20.44
C ARG C 69 2.16 18.89 -21.79
N ALA C 70 3.15 18.62 -22.63
CA ALA C 70 2.87 18.03 -23.93
C ALA C 70 2.02 16.80 -23.73
N LEU C 71 2.51 15.89 -22.88
CA LEU C 71 1.80 14.65 -22.62
C LEU C 71 0.39 14.91 -22.10
N ALA C 72 0.24 15.89 -21.23
CA ALA C 72 -1.06 16.20 -20.66
C ALA C 72 -2.03 16.70 -21.72
N ILE C 73 -1.55 17.59 -22.59
CA ILE C 73 -2.36 18.06 -23.69
C ILE C 73 -2.76 16.88 -24.57
N ALA C 74 -1.80 16.02 -24.86
CA ALA C 74 -2.06 14.87 -25.71
C ALA C 74 -3.18 13.98 -25.16
N VAL C 75 -3.26 13.88 -23.83
CA VAL C 75 -4.25 13.04 -23.17
C VAL C 75 -5.63 13.72 -23.18
N MET C 76 -5.63 14.99 -22.78
CA MET C 76 -6.80 15.84 -22.82
C MET C 76 -7.43 15.86 -24.23
N ARG C 77 -6.59 15.86 -25.24
CA ARG C 77 -7.03 15.86 -26.62
C ARG C 77 -7.74 14.56 -26.96
N LYS C 78 -7.12 13.44 -26.59
CA LYS C 78 -7.76 12.15 -26.76
C LYS C 78 -9.09 12.07 -26.02
N HIS C 79 -9.09 12.59 -24.78
CA HIS C 79 -10.27 12.53 -23.93
C HIS C 79 -11.47 13.12 -24.66
N ARG C 80 -11.30 14.35 -25.11
CA ARG C 80 -12.40 15.09 -25.71
C ARG C 80 -12.73 14.64 -27.12
N LEU C 81 -11.71 14.20 -27.87
CA LEU C 81 -12.01 13.59 -29.15
C LEU C 81 -12.93 12.39 -28.94
N ALA C 82 -12.62 11.60 -27.94
CA ALA C 82 -13.41 10.39 -27.65
C ALA C 82 -14.80 10.79 -27.20
N GLU C 83 -14.90 11.93 -26.54
CA GLU C 83 -16.18 12.40 -26.05
C GLU C 83 -17.07 12.75 -27.23
N ARG C 84 -16.50 13.42 -28.23
CA ARG C 84 -17.23 13.76 -29.44
C ARG C 84 -17.68 12.51 -30.14
N LEU C 85 -16.77 11.55 -30.27
CA LEU C 85 -17.10 10.27 -30.91
C LEU C 85 -18.27 9.54 -30.25
N LEU C 86 -18.31 9.56 -28.92
CA LEU C 86 -19.36 8.90 -28.16
C LEU C 86 -20.72 9.61 -28.26
N VAL C 87 -20.70 10.91 -28.51
CA VAL C 87 -21.93 11.67 -28.59
C VAL C 87 -22.42 11.77 -30.03
N ASP C 88 -21.58 12.27 -30.92
CA ASP C 88 -21.94 12.48 -32.30
C ASP C 88 -22.26 11.19 -33.02
N VAL C 89 -21.44 10.17 -32.79
CA VAL C 89 -21.51 8.95 -33.58
C VAL C 89 -22.16 7.78 -32.86
N ILE C 90 -21.77 7.54 -31.61
CA ILE C 90 -22.21 6.33 -30.91
C ILE C 90 -23.53 6.50 -30.14
N GLY C 91 -23.73 7.64 -29.52
CA GLY C 91 -24.97 7.88 -28.79
C GLY C 91 -24.96 7.34 -27.37
N LEU C 92 -23.77 7.13 -26.82
CA LEU C 92 -23.69 6.77 -25.41
C LEU C 92 -24.42 7.84 -24.60
N PRO C 93 -25.24 7.43 -23.63
CA PRO C 93 -25.93 8.41 -22.81
C PRO C 93 -24.96 9.42 -22.22
N TRP C 94 -25.37 10.68 -22.19
CA TRP C 94 -24.54 11.81 -21.72
C TRP C 94 -23.80 11.55 -20.40
N GLU C 95 -24.52 11.05 -19.40
CA GLU C 95 -23.95 10.90 -18.08
C GLU C 95 -22.80 9.91 -18.06
N GLU C 96 -22.80 8.97 -19.00
CA GLU C 96 -21.72 7.98 -19.08
C GLU C 96 -20.55 8.35 -20.02
N VAL C 97 -20.64 9.49 -20.72
CA VAL C 97 -19.64 9.76 -21.77
C VAL C 97 -18.26 10.13 -21.22
N HIS C 98 -18.21 11.06 -20.28
CA HIS C 98 -16.95 11.43 -19.68
C HIS C 98 -16.28 10.20 -19.08
N ALA C 99 -17.00 9.47 -18.24
CA ALA C 99 -16.48 8.24 -17.65
C ALA C 99 -15.86 7.36 -18.71
N GLU C 100 -16.60 7.07 -19.78
CA GLU C 100 -16.06 6.20 -20.82
C GLU C 100 -14.78 6.81 -21.38
N ALA C 101 -14.83 8.10 -21.69
CA ALA C 101 -13.66 8.80 -22.24
C ALA C 101 -12.46 8.76 -21.29
N CYS C 102 -12.73 8.89 -20.00
CA CYS C 102 -11.70 8.81 -18.98
C CYS C 102 -10.84 7.55 -19.10
N ARG C 103 -11.43 6.51 -19.69
CA ARG C 103 -10.72 5.28 -19.97
C ARG C 103 -10.14 5.26 -21.38
N TRP C 104 -10.89 5.80 -22.34
CA TRP C 104 -10.44 5.81 -23.75
C TRP C 104 -9.20 6.69 -23.96
N GLU C 105 -9.18 7.83 -23.28
CA GLU C 105 -8.05 8.75 -23.34
C GLU C 105 -6.69 8.06 -23.20
N HIS C 106 -6.69 6.85 -22.64
CA HIS C 106 -5.40 6.23 -22.30
C HIS C 106 -4.98 5.21 -23.34
N VAL C 107 -5.86 4.94 -24.29
CA VAL C 107 -5.55 3.88 -25.24
C VAL C 107 -5.57 4.31 -26.71
N MET C 108 -6.07 5.51 -26.98
CA MET C 108 -6.18 6.01 -28.35
C MET C 108 -4.83 6.46 -28.87
N SER C 109 -4.44 5.94 -30.04
CA SER C 109 -3.25 6.43 -30.73
C SER C 109 -3.55 7.75 -31.41
N GLU C 110 -2.50 8.42 -31.85
CA GLU C 110 -2.64 9.66 -32.59
C GLU C 110 -3.20 9.40 -33.97
N ASP C 111 -2.91 8.22 -34.50
CA ASP C 111 -3.49 7.79 -35.77
C ASP C 111 -5.01 7.88 -35.71
N VAL C 112 -5.61 7.27 -34.69
CA VAL C 112 -7.05 7.36 -34.49
C VAL C 112 -7.50 8.80 -34.27
N GLU C 113 -6.72 9.59 -33.54
CA GLU C 113 -7.10 10.97 -33.27
C GLU C 113 -7.23 11.76 -34.57
N ARG C 114 -6.36 11.48 -35.53
CA ARG C 114 -6.38 12.19 -36.80
C ARG C 114 -7.58 11.75 -37.66
N ARG C 115 -7.88 10.46 -37.64
CA ARG C 115 -9.05 9.97 -38.36
C ARG C 115 -10.31 10.58 -37.77
N LEU C 116 -10.34 10.71 -36.45
CA LEU C 116 -11.50 11.27 -35.77
C LEU C 116 -11.72 12.76 -36.10
N VAL C 117 -10.62 13.51 -36.23
CA VAL C 117 -10.73 14.92 -36.62
C VAL C 117 -11.45 15.04 -37.97
N LYS C 118 -11.08 14.18 -38.92
CA LYS C 118 -11.74 14.15 -40.21
C LYS C 118 -13.20 13.74 -40.06
N VAL C 119 -13.41 12.56 -39.50
CA VAL C 119 -14.74 11.97 -39.42
C VAL C 119 -15.73 12.80 -38.60
N LEU C 120 -15.24 13.64 -37.71
CA LEU C 120 -16.12 14.48 -36.92
C LEU C 120 -16.13 15.93 -37.42
N ASN C 121 -15.70 16.09 -38.68
CA ASN C 121 -15.70 17.37 -39.38
C ASN C 121 -15.00 18.49 -38.64
N ASN C 122 -13.78 18.22 -38.16
CA ASN C 122 -12.96 19.25 -37.54
C ASN C 122 -13.57 19.84 -36.28
N PRO C 123 -13.87 19.00 -35.29
CA PRO C 123 -14.49 19.55 -34.10
C PRO C 123 -13.44 20.33 -33.34
N THR C 124 -13.85 21.41 -32.71
CA THR C 124 -12.93 22.18 -31.90
C THR C 124 -13.28 22.02 -30.43
N THR C 125 -14.43 21.43 -30.15
CA THR C 125 -14.90 21.31 -28.78
C THR C 125 -15.51 19.95 -28.47
N SER C 126 -15.31 19.51 -27.23
CA SER C 126 -16.02 18.36 -26.71
C SER C 126 -17.49 18.72 -26.65
N PRO C 127 -18.36 17.70 -26.63
CA PRO C 127 -19.81 17.91 -26.51
C PRO C 127 -20.21 18.68 -25.26
N PHE C 128 -19.32 18.80 -24.29
CA PHE C 128 -19.64 19.54 -23.08
C PHE C 128 -19.36 21.04 -23.20
N GLY C 129 -18.78 21.47 -24.32
CA GLY C 129 -18.49 22.88 -24.55
C GLY C 129 -17.01 23.20 -24.45
N ASN C 130 -16.27 22.38 -23.72
CA ASN C 130 -14.82 22.56 -23.50
C ASN C 130 -13.96 22.41 -24.75
N PRO C 131 -12.96 23.28 -24.92
CA PRO C 131 -12.12 23.27 -26.13
C PRO C 131 -11.27 22.02 -26.22
N ILE C 132 -11.07 21.51 -27.43
CA ILE C 132 -10.13 20.43 -27.66
C ILE C 132 -8.74 20.99 -27.88
N PRO C 133 -7.82 20.74 -26.94
CA PRO C 133 -6.49 21.34 -27.00
C PRO C 133 -5.57 20.55 -27.90
N GLY C 134 -4.44 21.15 -28.29
CA GLY C 134 -3.35 20.43 -28.96
C GLY C 134 -3.58 19.84 -30.35
N LEU C 135 -4.49 20.41 -31.11
CA LEU C 135 -4.70 19.95 -32.48
C LEU C 135 -3.58 20.39 -33.43
N VAL C 136 -2.86 21.45 -33.08
CA VAL C 136 -1.72 21.89 -33.89
C VAL C 136 -0.62 20.87 -33.77
N GLU C 137 -0.38 20.42 -32.54
CA GLU C 137 0.64 19.43 -32.28
C GLU C 137 0.25 18.14 -32.98
N LEU C 138 -1.02 17.76 -32.88
CA LEU C 138 -1.54 16.61 -33.60
C LEU C 138 -1.14 16.74 -35.06
N GLY C 139 -1.11 17.99 -35.55
CA GLY C 139 -0.77 18.29 -36.93
C GLY C 139 -1.96 18.43 -37.89
N VAL C 140 -3.15 18.65 -37.35
CA VAL C 140 -4.34 18.72 -38.21
C VAL C 140 -4.80 20.15 -38.46
N ALA C 141 -4.19 21.09 -37.75
CA ALA C 141 -4.59 22.48 -37.84
C ALA C 141 -3.41 23.42 -37.62
N SER C 142 -3.62 24.69 -37.94
CA SER C 142 -2.63 25.71 -37.67
C SER C 142 -3.23 26.79 -36.79
N GLU C 143 -2.49 27.22 -35.77
CA GLU C 143 -2.96 28.31 -34.93
C GLU C 143 -2.99 29.60 -35.75
N ASN C 144 -4.12 30.27 -35.75
CA ASN C 144 -4.20 31.60 -36.34
C ASN C 144 -4.98 32.51 -35.40
N LEU C 145 -4.42 33.67 -35.11
CA LEU C 145 -4.91 34.50 -34.02
C LEU C 145 -6.00 35.47 -34.40
N TYR C 146 -6.94 35.64 -33.49
CA TYR C 146 -8.04 36.57 -33.68
C TYR C 146 -7.98 37.59 -32.55
N PHE C 147 -8.18 38.87 -32.89
CA PHE C 147 -8.03 39.94 -31.92
C PHE C 147 -9.36 40.53 -31.49
N GLU D 3 1.18 -1.91 -20.68
CA GLU D 3 1.21 -2.10 -22.17
C GLU D 3 0.24 -3.19 -22.60
N LEU D 4 0.10 -4.25 -21.81
CA LEU D 4 -0.99 -5.18 -22.04
C LEU D 4 -2.30 -4.48 -21.72
N VAL D 5 -2.22 -3.46 -20.88
CA VAL D 5 -3.38 -2.73 -20.37
C VAL D 5 -4.10 -3.49 -19.27
N ASP D 6 -4.61 -4.67 -19.58
CA ASP D 6 -5.01 -5.62 -18.55
C ASP D 6 -4.45 -7.01 -18.82
N THR D 7 -3.43 -7.35 -18.04
CA THR D 7 -2.77 -8.65 -18.09
C THR D 7 -3.75 -9.82 -18.06
N THR D 8 -4.65 -9.79 -17.08
CA THR D 8 -5.61 -10.86 -16.83
C THR D 8 -6.53 -11.09 -18.01
N GLU D 9 -7.11 -10.01 -18.52
CA GLU D 9 -7.97 -10.11 -19.69
C GLU D 9 -7.17 -10.60 -20.91
N MET D 10 -5.92 -10.16 -21.02
CA MET D 10 -5.10 -10.59 -22.13
C MET D 10 -4.76 -12.07 -22.03
N TYR D 11 -4.46 -12.55 -20.83
CA TYR D 11 -4.23 -13.98 -20.67
C TYR D 11 -5.45 -14.78 -21.10
N LEU D 12 -6.65 -14.36 -20.66
CA LEU D 12 -7.88 -15.02 -21.00
C LEU D 12 -8.09 -14.96 -22.50
N ARG D 13 -8.07 -13.75 -23.06
CA ARG D 13 -8.28 -13.62 -24.50
C ARG D 13 -7.27 -14.48 -25.24
N THR D 14 -6.02 -14.50 -24.77
CA THR D 14 -5.00 -15.33 -25.43
C THR D 14 -5.44 -16.78 -25.44
N ILE D 15 -5.79 -17.30 -24.26
CA ILE D 15 -6.36 -18.64 -24.14
C ILE D 15 -7.53 -18.90 -25.10
N TYR D 16 -8.34 -17.87 -25.36
CA TYR D 16 -9.48 -18.03 -26.25
C TYR D 16 -9.08 -18.01 -27.71
N ASP D 17 -8.08 -17.20 -28.06
CA ASP D 17 -7.54 -17.21 -29.41
C ASP D 17 -7.07 -18.62 -29.69
N LEU D 18 -6.36 -19.19 -28.73
CA LEU D 18 -5.76 -20.51 -28.90
C LEU D 18 -6.79 -21.60 -29.11
N GLU D 19 -7.90 -21.51 -28.37
CA GLU D 19 -8.99 -22.47 -28.50
C GLU D 19 -9.62 -22.38 -29.89
N GLU D 20 -9.87 -21.14 -30.33
CA GLU D 20 -10.33 -20.85 -31.68
C GLU D 20 -9.40 -21.44 -32.76
N GLU D 21 -8.10 -21.38 -32.51
CA GLU D 21 -7.09 -21.79 -33.49
C GLU D 21 -6.80 -23.28 -33.43
N GLY D 22 -7.21 -23.94 -32.35
CA GLY D 22 -7.04 -25.38 -32.23
C GLY D 22 -5.87 -25.84 -31.38
N VAL D 23 -4.94 -24.93 -31.07
CA VAL D 23 -3.76 -25.32 -30.28
C VAL D 23 -4.04 -25.52 -28.78
N THR D 24 -3.38 -26.53 -28.20
CA THR D 24 -3.45 -26.83 -26.78
C THR D 24 -2.94 -25.64 -25.99
N PRO D 25 -3.70 -25.18 -24.98
CA PRO D 25 -3.32 -24.00 -24.21
C PRO D 25 -2.43 -24.29 -23.00
N LEU D 26 -1.13 -24.06 -23.15
CA LEU D 26 -0.16 -24.25 -22.06
C LEU D 26 0.40 -22.92 -21.64
N ARG D 27 0.83 -22.83 -20.38
CA ARG D 27 1.52 -21.63 -19.91
C ARG D 27 2.61 -21.23 -20.90
N ALA D 28 3.22 -22.24 -21.53
CA ALA D 28 4.31 -21.99 -22.47
C ALA D 28 3.88 -21.33 -23.80
N ARG D 29 2.59 -21.38 -24.13
CA ARG D 29 2.10 -20.72 -25.36
C ARG D 29 1.90 -19.25 -25.10
N ILE D 30 1.45 -18.96 -23.88
CA ILE D 30 1.24 -17.59 -23.44
C ILE D 30 2.58 -16.90 -23.43
N ALA D 31 3.59 -17.61 -22.91
CA ALA D 31 4.96 -17.10 -22.91
C ALA D 31 5.32 -16.55 -24.29
N GLU D 32 5.07 -17.35 -25.32
CA GLU D 32 5.43 -16.99 -26.70
C GLU D 32 4.48 -15.97 -27.30
N ARG D 33 3.19 -16.08 -27.04
CA ARG D 33 2.25 -15.10 -27.58
C ARG D 33 2.44 -13.72 -26.99
N LEU D 34 2.36 -13.63 -25.68
CA LEU D 34 2.45 -12.35 -25.01
C LEU D 34 3.89 -11.99 -24.72
N ASP D 35 4.83 -12.80 -25.20
CA ASP D 35 6.25 -12.54 -25.04
C ASP D 35 6.60 -12.21 -23.59
N GLN D 36 6.43 -13.18 -22.70
CA GLN D 36 6.71 -12.99 -21.29
C GLN D 36 7.49 -14.19 -20.79
N SER D 37 8.27 -14.02 -19.74
CA SER D 37 9.09 -15.10 -19.24
C SER D 37 8.22 -16.21 -18.66
N GLY D 38 8.74 -17.44 -18.71
CA GLY D 38 8.05 -18.58 -18.15
C GLY D 38 7.64 -18.29 -16.72
N PRO D 39 8.63 -18.01 -15.88
CA PRO D 39 8.35 -17.76 -14.45
C PRO D 39 7.23 -16.73 -14.31
N THR D 40 7.25 -15.69 -15.15
CA THR D 40 6.19 -14.70 -15.10
C THR D 40 4.84 -15.33 -15.44
N VAL D 41 4.80 -16.10 -16.52
CA VAL D 41 3.53 -16.67 -16.95
C VAL D 41 2.96 -17.63 -15.92
N SER D 42 3.81 -18.44 -15.31
CA SER D 42 3.30 -19.31 -14.26
C SER D 42 2.75 -18.50 -13.10
N GLN D 43 3.46 -17.44 -12.71
CA GLN D 43 3.06 -16.65 -11.54
C GLN D 43 1.73 -15.95 -11.77
N THR D 44 1.59 -15.36 -12.95
CA THR D 44 0.35 -14.68 -13.29
C THR D 44 -0.81 -15.66 -13.33
N VAL D 45 -0.56 -16.87 -13.82
CA VAL D 45 -1.60 -17.88 -13.90
C VAL D 45 -2.09 -18.32 -12.52
N SER D 46 -1.17 -18.33 -11.54
CA SER D 46 -1.53 -18.69 -10.17
C SER D 46 -2.52 -17.71 -9.58
N ARG D 47 -2.34 -16.43 -9.89
CA ARG D 47 -3.27 -15.39 -9.46
C ARG D 47 -4.65 -15.59 -10.08
N MET D 48 -4.68 -16.01 -11.34
CA MET D 48 -5.94 -16.23 -12.04
C MET D 48 -6.61 -17.51 -11.52
N GLU D 49 -5.79 -18.49 -11.15
CA GLU D 49 -6.30 -19.68 -10.48
C GLU D 49 -6.81 -19.29 -9.10
N ARG D 50 -6.02 -18.49 -8.38
CA ARG D 50 -6.44 -18.01 -7.09
C ARG D 50 -7.77 -17.27 -7.17
N ASP D 51 -7.96 -16.49 -8.24
CA ASP D 51 -9.12 -15.61 -8.35
C ASP D 51 -10.28 -16.26 -9.09
N GLY D 52 -10.16 -17.56 -9.36
CA GLY D 52 -11.25 -18.33 -9.94
C GLY D 52 -11.54 -17.98 -11.39
N LEU D 53 -10.51 -17.59 -12.13
CA LEU D 53 -10.69 -17.30 -13.54
C LEU D 53 -10.38 -18.53 -14.38
N LEU D 54 -9.52 -19.39 -13.86
CA LEU D 54 -9.15 -20.62 -14.57
C LEU D 54 -8.61 -21.68 -13.64
N ARG D 55 -8.43 -22.90 -14.15
CA ARG D 55 -7.85 -24.00 -13.40
C ARG D 55 -6.75 -24.64 -14.23
N VAL D 56 -5.62 -24.94 -13.61
CA VAL D 56 -4.57 -25.68 -14.28
C VAL D 56 -4.80 -27.16 -13.99
N ALA D 57 -5.24 -27.90 -15.01
CA ALA D 57 -5.63 -29.31 -14.84
C ALA D 57 -4.44 -30.23 -14.56
N GLY D 58 -4.71 -31.44 -14.10
CA GLY D 58 -3.66 -32.40 -13.77
C GLY D 58 -2.67 -32.65 -14.91
N ASP D 59 -3.14 -32.55 -16.15
CA ASP D 59 -2.25 -32.74 -17.28
C ASP D 59 -1.73 -31.40 -17.81
N ARG D 60 -1.68 -30.41 -16.93
CA ARG D 60 -1.17 -29.07 -17.22
C ARG D 60 -1.97 -28.24 -18.24
N HIS D 61 -3.12 -28.75 -18.66
CA HIS D 61 -3.99 -27.98 -19.57
C HIS D 61 -4.58 -26.77 -18.87
N LEU D 62 -4.71 -25.66 -19.58
CA LEU D 62 -5.30 -24.47 -19.00
C LEU D 62 -6.75 -24.37 -19.41
N GLU D 63 -7.63 -24.43 -18.42
CA GLU D 63 -9.07 -24.41 -18.67
C GLU D 63 -9.73 -23.23 -18.00
N LEU D 64 -10.60 -22.57 -18.75
CA LEU D 64 -11.30 -21.42 -18.20
C LEU D 64 -12.50 -21.88 -17.39
N THR D 65 -12.83 -21.10 -16.36
CA THR D 65 -13.96 -21.37 -15.52
C THR D 65 -15.14 -20.67 -16.16
N GLU D 66 -16.33 -20.89 -15.63
CA GLU D 66 -17.49 -20.20 -16.19
C GLU D 66 -17.19 -18.71 -16.17
N LYS D 67 -16.74 -18.21 -15.04
CA LYS D 67 -16.43 -16.80 -14.87
C LYS D 67 -15.34 -16.35 -15.84
N GLY D 68 -14.31 -17.18 -15.97
CA GLY D 68 -13.18 -16.88 -16.83
C GLY D 68 -13.59 -16.86 -18.28
N ARG D 69 -14.36 -17.87 -18.69
CA ARG D 69 -14.88 -17.96 -20.05
C ARG D 69 -15.78 -16.76 -20.37
N ALA D 70 -16.65 -16.42 -19.44
CA ALA D 70 -17.51 -15.26 -19.64
C ALA D 70 -16.68 -14.03 -20.01
N LEU D 71 -15.70 -13.69 -19.16
CA LEU D 71 -14.84 -12.54 -19.41
C LEU D 71 -14.14 -12.67 -20.76
N ALA D 72 -13.68 -13.88 -21.06
CA ALA D 72 -12.95 -14.11 -22.29
C ALA D 72 -13.77 -13.65 -23.49
N ILE D 73 -14.99 -14.14 -23.57
CA ILE D 73 -15.92 -13.77 -24.63
C ILE D 73 -16.18 -12.27 -24.59
N ALA D 74 -16.56 -11.75 -23.43
CA ALA D 74 -16.86 -10.34 -23.33
C ALA D 74 -15.74 -9.43 -23.87
N VAL D 75 -14.47 -9.86 -23.70
CA VAL D 75 -13.34 -9.10 -24.23
C VAL D 75 -13.15 -9.30 -25.74
N MET D 76 -13.38 -10.53 -26.20
CA MET D 76 -13.32 -10.81 -27.63
C MET D 76 -14.39 -9.99 -28.34
N ARG D 77 -15.60 -10.02 -27.81
CA ARG D 77 -16.70 -9.28 -28.38
C ARG D 77 -16.38 -7.80 -28.45
N LYS D 78 -15.86 -7.25 -27.35
CA LYS D 78 -15.39 -5.87 -27.34
C LYS D 78 -14.35 -5.64 -28.43
N HIS D 79 -13.48 -6.62 -28.64
CA HIS D 79 -12.35 -6.45 -29.54
C HIS D 79 -12.73 -6.41 -31.02
N ARG D 80 -13.70 -7.24 -31.41
CA ARG D 80 -14.10 -7.28 -32.82
C ARG D 80 -15.13 -6.18 -33.12
N LEU D 81 -15.88 -5.75 -32.11
CA LEU D 81 -16.70 -4.56 -32.26
C LEU D 81 -15.83 -3.31 -32.49
N ALA D 82 -14.86 -3.09 -31.63
CA ALA D 82 -13.93 -1.99 -31.83
C ALA D 82 -13.37 -2.06 -33.24
N GLU D 83 -12.95 -3.26 -33.65
CA GLU D 83 -12.40 -3.45 -34.99
C GLU D 83 -13.36 -3.02 -36.09
N ARG D 84 -14.65 -3.33 -35.94
CA ARG D 84 -15.65 -2.89 -36.90
C ARG D 84 -15.71 -1.37 -36.93
N LEU D 85 -15.80 -0.79 -35.75
CA LEU D 85 -15.89 0.65 -35.62
C LEU D 85 -14.75 1.33 -36.36
N LEU D 86 -13.53 0.94 -36.01
CA LEU D 86 -12.34 1.58 -36.54
C LEU D 86 -12.31 1.52 -38.05
N VAL D 87 -12.74 0.40 -38.60
CA VAL D 87 -12.66 0.21 -40.02
C VAL D 87 -13.80 0.90 -40.74
N ASP D 88 -15.03 0.52 -40.38
CA ASP D 88 -16.22 1.00 -41.10
C ASP D 88 -16.53 2.48 -40.87
N VAL D 89 -16.17 3.00 -39.69
CA VAL D 89 -16.56 4.36 -39.29
C VAL D 89 -15.36 5.29 -39.22
N ILE D 90 -14.28 4.83 -38.61
CA ILE D 90 -13.14 5.68 -38.31
C ILE D 90 -12.10 5.72 -39.43
N GLY D 91 -12.04 4.67 -40.24
CA GLY D 91 -11.19 4.66 -41.42
C GLY D 91 -9.72 4.51 -41.15
N LEU D 92 -9.37 4.00 -39.99
CA LEU D 92 -7.99 3.66 -39.68
C LEU D 92 -7.51 2.61 -40.67
N PRO D 93 -6.28 2.76 -41.19
CA PRO D 93 -5.67 1.74 -42.05
C PRO D 93 -5.61 0.35 -41.38
N TRP D 94 -5.91 -0.69 -42.16
CA TRP D 94 -6.01 -2.06 -41.68
C TRP D 94 -4.87 -2.50 -40.77
N GLU D 95 -3.64 -2.15 -41.16
CA GLU D 95 -2.47 -2.66 -40.50
C GLU D 95 -2.38 -2.22 -39.03
N GLU D 96 -3.11 -1.17 -38.67
CA GLU D 96 -3.13 -0.74 -37.28
C GLU D 96 -4.35 -1.17 -36.47
N VAL D 97 -5.45 -1.52 -37.15
CA VAL D 97 -6.73 -1.66 -36.45
C VAL D 97 -6.78 -2.80 -35.43
N HIS D 98 -6.08 -3.91 -35.67
CA HIS D 98 -6.03 -4.93 -34.64
C HIS D 98 -5.30 -4.44 -33.40
N ALA D 99 -4.06 -3.99 -33.59
CA ALA D 99 -3.27 -3.49 -32.48
C ALA D 99 -4.06 -2.44 -31.70
N GLU D 100 -4.77 -1.56 -32.40
CA GLU D 100 -5.61 -0.61 -31.70
C GLU D 100 -6.66 -1.35 -30.88
N ALA D 101 -7.48 -2.15 -31.54
CA ALA D 101 -8.51 -2.91 -30.84
C ALA D 101 -7.98 -3.68 -29.62
N CYS D 102 -6.70 -4.07 -29.66
CA CYS D 102 -6.06 -4.84 -28.58
C CYS D 102 -6.00 -4.07 -27.26
N ARG D 103 -6.01 -2.74 -27.38
CA ARG D 103 -6.01 -1.87 -26.22
C ARG D 103 -7.43 -1.43 -25.88
N TRP D 104 -8.23 -1.19 -26.91
CA TRP D 104 -9.59 -0.69 -26.69
C TRP D 104 -10.43 -1.76 -26.03
N GLU D 105 -10.14 -3.02 -26.33
CA GLU D 105 -10.86 -4.15 -25.75
C GLU D 105 -10.87 -4.14 -24.22
N HIS D 106 -9.90 -3.45 -23.63
CA HIS D 106 -9.76 -3.54 -22.18
C HIS D 106 -10.47 -2.41 -21.44
N VAL D 107 -11.04 -1.47 -22.19
CA VAL D 107 -11.63 -0.29 -21.56
C VAL D 107 -13.11 -0.06 -21.91
N MET D 108 -13.62 -0.76 -22.91
CA MET D 108 -14.97 -0.51 -23.37
C MET D 108 -16.01 -1.20 -22.49
N SER D 109 -17.04 -0.45 -22.13
CA SER D 109 -18.14 -0.97 -21.34
C SER D 109 -19.21 -1.64 -22.21
N GLU D 110 -20.09 -2.39 -21.58
CA GLU D 110 -21.19 -3.02 -22.28
C GLU D 110 -22.16 -1.99 -22.84
N ASP D 111 -22.27 -0.83 -22.21
CA ASP D 111 -23.11 0.25 -22.73
C ASP D 111 -22.67 0.66 -24.15
N VAL D 112 -21.39 0.98 -24.30
CA VAL D 112 -20.85 1.34 -25.61
C VAL D 112 -21.06 0.20 -26.62
N GLU D 113 -20.79 -1.02 -26.19
CA GLU D 113 -20.93 -2.18 -27.05
C GLU D 113 -22.32 -2.27 -27.67
N ARG D 114 -23.34 -2.24 -26.83
CA ARG D 114 -24.72 -2.32 -27.30
C ARG D 114 -24.96 -1.22 -28.33
N ARG D 115 -24.62 0.00 -27.98
CA ARG D 115 -24.81 1.12 -28.90
C ARG D 115 -24.03 0.98 -30.21
N LEU D 116 -22.89 0.31 -30.14
CA LEU D 116 -22.09 0.07 -31.32
C LEU D 116 -22.80 -0.89 -32.27
N VAL D 117 -23.47 -1.89 -31.70
CA VAL D 117 -24.16 -2.86 -32.50
C VAL D 117 -25.21 -2.20 -33.38
N LYS D 118 -25.93 -1.23 -32.83
CA LYS D 118 -26.97 -0.53 -33.58
C LYS D 118 -26.41 0.37 -34.68
N VAL D 119 -25.43 1.18 -34.34
CA VAL D 119 -24.82 2.12 -35.29
C VAL D 119 -24.01 1.46 -36.41
N LEU D 120 -23.48 0.27 -36.15
CA LEU D 120 -22.77 -0.49 -37.16
C LEU D 120 -23.71 -1.40 -37.96
N ASN D 121 -25.00 -1.15 -37.82
CA ASN D 121 -26.05 -1.96 -38.45
C ASN D 121 -25.89 -3.45 -38.15
N ASN D 122 -25.90 -3.79 -36.87
CA ASN D 122 -25.95 -5.18 -36.44
C ASN D 122 -24.91 -6.10 -37.06
N PRO D 123 -23.62 -5.79 -36.86
CA PRO D 123 -22.56 -6.61 -37.44
C PRO D 123 -22.46 -7.92 -36.71
N THR D 124 -22.05 -8.96 -37.41
CA THR D 124 -21.81 -10.27 -36.81
C THR D 124 -20.36 -10.68 -36.95
N THR D 125 -19.55 -9.85 -37.58
CA THR D 125 -18.15 -10.20 -37.82
C THR D 125 -17.26 -8.99 -37.70
N SER D 126 -16.02 -9.22 -37.28
CA SER D 126 -15.01 -8.19 -37.36
C SER D 126 -14.69 -8.05 -38.85
N PRO D 127 -14.14 -6.91 -39.23
CA PRO D 127 -13.85 -6.68 -40.64
C PRO D 127 -12.87 -7.70 -41.22
N PHE D 128 -12.17 -8.44 -40.36
CA PHE D 128 -11.28 -9.50 -40.84
C PHE D 128 -12.07 -10.77 -41.10
N GLY D 129 -13.34 -10.78 -40.72
CA GLY D 129 -14.20 -11.92 -40.99
C GLY D 129 -14.46 -12.82 -39.79
N ASN D 130 -13.70 -12.63 -38.72
CA ASN D 130 -13.85 -13.44 -37.51
C ASN D 130 -15.15 -13.11 -36.79
N PRO D 131 -15.92 -14.15 -36.44
CA PRO D 131 -17.25 -13.96 -35.86
C PRO D 131 -17.23 -13.21 -34.52
N ILE D 132 -18.25 -12.39 -34.28
CA ILE D 132 -18.38 -11.71 -33.00
C ILE D 132 -19.14 -12.58 -32.00
N PRO D 133 -18.47 -13.02 -30.94
CA PRO D 133 -19.10 -13.89 -29.97
C PRO D 133 -19.90 -13.06 -28.97
N GLY D 134 -20.66 -13.73 -28.11
CA GLY D 134 -21.37 -13.08 -27.01
C GLY D 134 -22.35 -11.97 -27.35
N LEU D 135 -22.88 -11.97 -28.57
CA LEU D 135 -23.90 -10.99 -28.92
C LEU D 135 -25.23 -11.31 -28.24
N VAL D 136 -25.46 -12.58 -27.96
CA VAL D 136 -26.67 -13.01 -27.25
C VAL D 136 -26.59 -12.58 -25.80
N GLU D 137 -25.54 -12.98 -25.09
CA GLU D 137 -25.45 -12.60 -23.69
C GLU D 137 -25.26 -11.08 -23.51
N LEU D 138 -24.67 -10.42 -24.50
CA LEU D 138 -24.64 -8.96 -24.47
C LEU D 138 -26.05 -8.43 -24.23
N GLY D 139 -27.03 -8.98 -24.95
CA GLY D 139 -28.43 -8.60 -24.79
C GLY D 139 -29.10 -8.03 -26.03
N VAL D 140 -28.45 -8.17 -27.19
CA VAL D 140 -28.91 -7.49 -28.42
C VAL D 140 -29.40 -8.39 -29.56
N ALA D 141 -29.36 -9.70 -29.36
CA ALA D 141 -29.71 -10.64 -30.41
C ALA D 141 -30.09 -11.99 -29.84
N SER D 142 -30.92 -12.71 -30.58
CA SER D 142 -31.22 -14.08 -30.22
C SER D 142 -30.87 -15.00 -31.39
N GLU D 143 -30.54 -16.24 -31.06
CA GLU D 143 -30.13 -17.21 -32.06
C GLU D 143 -31.35 -17.79 -32.77
N ASN D 144 -31.42 -17.63 -34.08
CA ASN D 144 -32.46 -18.33 -34.84
C ASN D 144 -31.91 -19.15 -36.02
N LEU D 145 -31.92 -20.47 -35.85
CA LEU D 145 -31.34 -21.41 -36.79
C LEU D 145 -31.95 -21.32 -38.18
N TYR D 146 -31.13 -21.53 -39.21
CA TYR D 146 -31.66 -21.81 -40.53
C TYR D 146 -31.09 -23.11 -41.09
N PHE D 147 -31.96 -23.91 -41.69
CA PHE D 147 -31.59 -25.24 -42.16
C PHE D 147 -31.22 -25.20 -43.64
N GLU E 3 4.13 -4.31 15.99
CA GLU E 3 4.34 -5.78 16.15
C GLU E 3 5.83 -6.14 16.27
N LEU E 4 6.63 -5.64 15.33
CA LEU E 4 8.09 -5.72 15.44
C LEU E 4 8.58 -4.78 16.54
N VAL E 5 7.72 -3.84 16.92
CA VAL E 5 8.04 -2.80 17.92
C VAL E 5 9.01 -1.78 17.37
N ASP E 6 10.12 -2.22 16.78
CA ASP E 6 10.97 -1.31 16.01
C ASP E 6 11.55 -1.99 14.78
N THR E 7 10.96 -1.70 13.63
CA THR E 7 11.36 -2.34 12.38
C THR E 7 12.87 -2.35 12.19
N THR E 8 13.47 -1.16 12.21
CA THR E 8 14.89 -1.03 11.91
C THR E 8 15.72 -2.01 12.74
N GLU E 9 15.58 -1.92 14.06
CA GLU E 9 16.38 -2.76 14.94
C GLU E 9 16.14 -4.23 14.68
N MET E 10 14.90 -4.60 14.38
CA MET E 10 14.60 -6.00 14.09
C MET E 10 15.34 -6.45 12.84
N TYR E 11 15.46 -5.55 11.87
CA TYR E 11 16.23 -5.83 10.67
C TYR E 11 17.69 -6.00 11.04
N LEU E 12 18.23 -5.04 11.77
CA LEU E 12 19.62 -5.14 12.21
C LEU E 12 19.83 -6.45 12.95
N ARG E 13 18.95 -6.76 13.90
CA ARG E 13 19.16 -7.97 14.70
C ARG E 13 18.92 -9.24 13.89
N THR E 14 18.02 -9.16 12.92
CA THR E 14 17.73 -10.33 12.10
C THR E 14 18.95 -10.70 11.30
N ILE E 15 19.58 -9.68 10.73
CA ILE E 15 20.85 -9.86 10.02
C ILE E 15 21.93 -10.47 10.92
N TYR E 16 22.09 -9.91 12.12
CA TYR E 16 23.04 -10.41 13.11
C TYR E 16 22.81 -11.88 13.34
N ASP E 17 21.56 -12.24 13.64
CA ASP E 17 21.14 -13.64 13.76
C ASP E 17 21.61 -14.49 12.59
N LEU E 18 21.40 -14.02 11.37
CA LEU E 18 21.80 -14.75 10.18
C LEU E 18 23.30 -15.02 10.15
N GLU E 19 24.11 -13.98 10.38
CA GLU E 19 25.55 -14.15 10.45
C GLU E 19 25.91 -15.16 11.51
N GLU E 20 25.29 -15.01 12.67
CA GLU E 20 25.46 -15.92 13.78
C GLU E 20 25.07 -17.34 13.34
N GLU E 21 24.02 -17.46 12.54
CA GLU E 21 23.55 -18.77 12.10
C GLU E 21 24.31 -19.29 10.90
N GLY E 22 25.24 -18.49 10.39
CA GLY E 22 26.05 -18.90 9.26
C GLY E 22 25.38 -18.75 7.90
N VAL E 23 24.11 -18.37 7.87
CA VAL E 23 23.44 -18.21 6.58
C VAL E 23 23.71 -16.84 5.97
N THR E 24 23.89 -16.80 4.65
CA THR E 24 24.19 -15.56 3.95
C THR E 24 23.03 -14.58 4.12
N PRO E 25 23.33 -13.36 4.58
CA PRO E 25 22.31 -12.35 4.80
C PRO E 25 21.89 -11.68 3.51
N LEU E 26 20.69 -12.02 3.07
CA LEU E 26 20.03 -11.40 1.92
C LEU E 26 18.62 -10.99 2.31
N ARG E 27 18.09 -10.02 1.60
CA ARG E 27 16.72 -9.58 1.83
C ARG E 27 15.67 -10.72 1.88
N ALA E 28 15.87 -11.81 1.14
CA ALA E 28 14.91 -12.91 1.17
C ALA E 28 14.88 -13.58 2.55
N ARG E 29 16.06 -13.76 3.13
CA ARG E 29 16.16 -14.32 4.47
C ARG E 29 15.34 -13.53 5.48
N ILE E 30 15.31 -12.21 5.32
CA ILE E 30 14.56 -11.33 6.22
C ILE E 30 13.07 -11.38 5.89
N ALA E 31 12.74 -11.39 4.61
CA ALA E 31 11.35 -11.54 4.19
C ALA E 31 10.75 -12.75 4.88
N GLU E 32 11.48 -13.85 4.93
CA GLU E 32 10.96 -15.08 5.52
C GLU E 32 10.79 -14.95 7.03
N ARG E 33 11.87 -14.57 7.71
CA ARG E 33 11.88 -14.56 9.16
C ARG E 33 10.90 -13.57 9.80
N LEU E 34 10.61 -12.47 9.11
CA LEU E 34 9.71 -11.46 9.66
C LEU E 34 8.34 -11.54 9.03
N ASP E 35 8.14 -12.55 8.16
CA ASP E 35 6.89 -12.73 7.43
C ASP E 35 6.37 -11.40 6.90
N GLN E 36 7.18 -10.76 6.04
CA GLN E 36 6.80 -9.54 5.35
C GLN E 36 7.04 -9.70 3.84
N SER E 37 6.29 -8.96 3.04
CA SER E 37 6.42 -9.06 1.59
C SER E 37 7.81 -8.70 1.11
N GLY E 38 8.19 -9.26 -0.04
CA GLY E 38 9.49 -8.96 -0.64
C GLY E 38 9.72 -7.48 -0.80
N PRO E 39 8.78 -6.79 -1.46
CA PRO E 39 8.90 -5.35 -1.66
C PRO E 39 9.02 -4.53 -0.37
N THR E 40 8.39 -4.98 0.70
CA THR E 40 8.51 -4.30 1.99
C THR E 40 9.97 -4.33 2.48
N VAL E 41 10.61 -5.49 2.45
CA VAL E 41 12.00 -5.57 2.90
C VAL E 41 12.93 -4.71 2.06
N SER E 42 12.83 -4.78 0.74
CA SER E 42 13.64 -3.92 -0.12
C SER E 42 13.54 -2.48 0.31
N GLN E 43 12.31 -2.03 0.52
CA GLN E 43 12.05 -0.62 0.81
C GLN E 43 12.55 -0.24 2.19
N THR E 44 12.40 -1.14 3.16
CA THR E 44 12.87 -0.86 4.50
C THR E 44 14.41 -0.82 4.53
N VAL E 45 15.02 -1.67 3.72
CA VAL E 45 16.46 -1.77 3.64
C VAL E 45 17.04 -0.56 2.91
N SER E 46 16.36 -0.15 1.85
CA SER E 46 16.73 1.08 1.14
C SER E 46 16.86 2.21 2.14
N ARG E 47 15.85 2.33 3.01
CA ARG E 47 15.87 3.39 3.99
C ARG E 47 17.09 3.27 4.91
N MET E 48 17.35 2.06 5.38
CA MET E 48 18.46 1.83 6.26
C MET E 48 19.77 2.14 5.56
N GLU E 49 19.82 1.86 4.27
CA GLU E 49 20.93 2.23 3.41
C GLU E 49 21.04 3.76 3.37
N ARG E 50 19.94 4.41 2.96
CA ARG E 50 19.87 5.85 2.89
C ARG E 50 20.38 6.46 4.20
N ASP E 51 20.17 5.75 5.31
CA ASP E 51 20.51 6.28 6.63
C ASP E 51 21.77 5.64 7.16
N GLY E 52 22.70 5.33 6.26
CA GLY E 52 24.01 4.81 6.62
C GLY E 52 24.07 3.74 7.68
N LEU E 53 23.09 2.83 7.67
CA LEU E 53 23.10 1.72 8.63
C LEU E 53 23.62 0.44 8.00
N LEU E 54 23.63 0.39 6.68
CA LEU E 54 24.04 -0.82 5.97
C LEU E 54 24.18 -0.58 4.49
N ARG E 55 24.70 -1.58 3.78
CA ARG E 55 24.70 -1.56 2.32
C ARG E 55 24.23 -2.87 1.71
N VAL E 56 23.71 -2.76 0.50
CA VAL E 56 23.44 -3.89 -0.33
C VAL E 56 24.59 -3.95 -1.34
N ALA E 57 25.44 -4.95 -1.21
CA ALA E 57 26.60 -5.07 -2.11
C ALA E 57 26.18 -5.40 -3.53
N GLY E 58 27.16 -5.44 -4.43
CA GLY E 58 26.93 -5.86 -5.82
C GLY E 58 26.40 -7.28 -5.94
N ASP E 59 26.84 -8.17 -5.05
CA ASP E 59 26.34 -9.54 -5.02
C ASP E 59 25.06 -9.67 -4.17
N ARG E 60 24.47 -8.54 -3.84
CA ARG E 60 23.21 -8.46 -3.06
C ARG E 60 23.31 -8.93 -1.61
N HIS E 61 24.54 -9.08 -1.14
CA HIS E 61 24.82 -9.34 0.27
C HIS E 61 24.47 -8.13 1.15
N LEU E 62 23.91 -8.39 2.32
CA LEU E 62 23.66 -7.32 3.30
C LEU E 62 24.83 -7.19 4.27
N GLU E 63 25.48 -6.02 4.26
CA GLU E 63 26.64 -5.83 5.10
C GLU E 63 26.41 -4.59 5.97
N LEU E 64 26.59 -4.73 7.28
CA LEU E 64 26.36 -3.60 8.18
C LEU E 64 27.52 -2.62 8.14
N THR E 65 27.21 -1.33 8.21
CA THR E 65 28.23 -0.31 8.36
C THR E 65 28.67 -0.28 9.83
N GLU E 66 29.76 0.42 10.12
CA GLU E 66 30.21 0.56 11.50
C GLU E 66 29.06 1.05 12.34
N LYS E 67 28.38 2.06 11.83
CA LYS E 67 27.25 2.65 12.53
C LYS E 67 26.21 1.59 12.85
N GLY E 68 25.83 0.84 11.82
CA GLY E 68 24.78 -0.15 11.93
C GLY E 68 25.17 -1.32 12.81
N ARG E 69 26.42 -1.74 12.70
CA ARG E 69 26.87 -2.85 13.51
C ARG E 69 26.88 -2.49 14.98
N ALA E 70 27.16 -1.22 15.28
CA ALA E 70 27.11 -0.75 16.66
C ALA E 70 25.71 -0.89 17.21
N LEU E 71 24.72 -0.43 16.46
CA LEU E 71 23.34 -0.48 16.93
C LEU E 71 22.88 -1.92 17.11
N ALA E 72 23.22 -2.76 16.13
CA ALA E 72 22.82 -4.16 16.12
C ALA E 72 23.33 -4.89 17.34
N ILE E 73 24.60 -4.63 17.68
CA ILE E 73 25.21 -5.20 18.85
C ILE E 73 24.44 -4.80 20.10
N ALA E 74 24.21 -3.49 20.24
CA ALA E 74 23.46 -2.93 21.35
C ALA E 74 22.14 -3.67 21.58
N VAL E 75 21.47 -4.03 20.48
CA VAL E 75 20.17 -4.67 20.57
C VAL E 75 20.31 -6.13 21.02
N MET E 76 21.24 -6.84 20.41
CA MET E 76 21.47 -8.22 20.80
C MET E 76 21.91 -8.29 22.25
N ARG E 77 22.60 -7.25 22.69
CA ARG E 77 23.10 -7.21 24.03
C ARG E 77 21.93 -7.05 25.00
N LYS E 78 20.99 -6.18 24.65
CA LYS E 78 19.81 -6.01 25.48
C LYS E 78 18.99 -7.30 25.42
N HIS E 79 18.90 -7.88 24.23
CA HIS E 79 18.12 -9.07 24.04
C HIS E 79 18.58 -10.12 25.04
N ARG E 80 19.87 -10.41 25.01
CA ARG E 80 20.39 -11.46 25.86
C ARG E 80 20.43 -11.09 27.36
N LEU E 81 20.58 -9.81 27.66
CA LEU E 81 20.43 -9.38 29.05
C LEU E 81 18.99 -9.61 29.51
N ALA E 82 18.05 -9.37 28.61
CA ALA E 82 16.64 -9.57 28.90
C ALA E 82 16.40 -11.03 29.23
N GLU E 83 16.78 -11.90 28.31
CA GLU E 83 16.62 -13.32 28.48
C GLU E 83 17.17 -13.75 29.84
N ARG E 84 18.35 -13.26 30.21
CA ARG E 84 18.96 -13.58 31.51
C ARG E 84 18.04 -13.18 32.67
N LEU E 85 17.78 -11.87 32.76
CA LEU E 85 16.86 -11.30 33.74
C LEU E 85 15.55 -12.08 33.87
N LEU E 86 15.04 -12.59 32.76
CA LEU E 86 13.76 -13.29 32.75
C LEU E 86 13.84 -14.68 33.35
N VAL E 87 14.99 -15.32 33.22
CA VAL E 87 15.14 -16.67 33.74
C VAL E 87 15.67 -16.70 35.17
N ASP E 88 16.82 -16.04 35.40
CA ASP E 88 17.45 -16.04 36.71
C ASP E 88 16.61 -15.39 37.80
N VAL E 89 15.88 -14.33 37.43
CA VAL E 89 15.25 -13.47 38.43
C VAL E 89 13.73 -13.47 38.37
N ILE E 90 13.18 -13.22 37.18
CA ILE E 90 11.73 -13.16 37.07
C ILE E 90 11.10 -14.55 37.15
N GLY E 91 11.80 -15.53 36.60
CA GLY E 91 11.30 -16.89 36.64
C GLY E 91 10.26 -17.12 35.58
N LEU E 92 10.42 -16.49 34.43
CA LEU E 92 9.55 -16.80 33.30
C LEU E 92 9.98 -18.14 32.72
N PRO E 93 9.00 -19.03 32.47
CA PRO E 93 9.29 -20.34 31.88
C PRO E 93 10.23 -20.27 30.68
N TRP E 94 11.28 -21.08 30.73
CA TRP E 94 12.21 -21.35 29.64
C TRP E 94 11.72 -20.94 28.25
N GLU E 95 10.57 -21.49 27.87
CA GLU E 95 10.12 -21.50 26.48
C GLU E 95 9.69 -20.14 25.93
N GLU E 96 9.29 -19.24 26.82
CA GLU E 96 8.73 -17.98 26.37
C GLU E 96 9.68 -16.82 26.55
N VAL E 97 10.84 -17.08 27.15
CA VAL E 97 11.80 -16.01 27.41
C VAL E 97 12.23 -15.29 26.14
N HIS E 98 12.44 -16.03 25.06
CA HIS E 98 12.88 -15.38 23.82
C HIS E 98 11.81 -14.46 23.25
N ALA E 99 10.59 -14.97 23.15
CA ALA E 99 9.47 -14.18 22.63
C ALA E 99 9.36 -12.85 23.36
N GLU E 100 9.50 -12.88 24.68
CA GLU E 100 9.39 -11.67 25.48
C GLU E 100 10.54 -10.72 25.22
N ALA E 101 11.76 -11.25 25.20
CA ALA E 101 12.95 -10.43 24.96
C ALA E 101 12.93 -9.78 23.58
N CYS E 102 12.37 -10.49 22.60
CA CYS E 102 12.25 -9.94 21.25
C CYS E 102 11.57 -8.58 21.25
N ARG E 103 10.71 -8.35 22.23
CA ARG E 103 10.08 -7.05 22.40
C ARG E 103 10.87 -6.13 23.34
N TRP E 104 11.53 -6.70 24.34
CA TRP E 104 12.23 -5.89 25.35
C TRP E 104 13.50 -5.23 24.81
N GLU E 105 14.24 -5.98 23.98
CA GLU E 105 15.48 -5.49 23.39
C GLU E 105 15.31 -4.08 22.84
N HIS E 106 14.08 -3.75 22.45
CA HIS E 106 13.82 -2.49 21.78
C HIS E 106 13.52 -1.33 22.74
N VAL E 107 13.44 -1.59 24.04
CA VAL E 107 13.03 -0.54 24.99
C VAL E 107 13.93 -0.33 26.20
N MET E 108 14.76 -1.31 26.53
CA MET E 108 15.71 -1.16 27.63
C MET E 108 16.75 -0.07 27.32
N SER E 109 17.05 0.77 28.30
CA SER E 109 18.14 1.73 28.15
C SER E 109 19.46 1.07 28.55
N GLU E 110 20.56 1.77 28.29
CA GLU E 110 21.88 1.26 28.63
C GLU E 110 22.14 1.31 30.15
N ASP E 111 21.45 2.22 30.85
CA ASP E 111 21.53 2.29 32.30
C ASP E 111 21.05 1.00 32.94
N VAL E 112 19.86 0.57 32.55
CA VAL E 112 19.31 -0.69 33.03
C VAL E 112 20.23 -1.83 32.64
N GLU E 113 20.76 -1.77 31.42
CA GLU E 113 21.73 -2.76 30.96
C GLU E 113 22.87 -2.89 31.98
N ARG E 114 23.46 -1.75 32.34
CA ARG E 114 24.58 -1.73 33.28
C ARG E 114 24.15 -2.17 34.66
N ARG E 115 22.92 -1.86 35.03
CA ARG E 115 22.39 -2.34 36.29
C ARG E 115 22.20 -3.86 36.28
N LEU E 116 22.03 -4.43 35.09
CA LEU E 116 21.79 -5.86 34.98
C LEU E 116 23.10 -6.61 35.09
N VAL E 117 24.12 -6.04 34.46
CA VAL E 117 25.45 -6.59 34.55
C VAL E 117 25.80 -6.80 36.03
N LYS E 118 25.63 -5.76 36.84
CA LYS E 118 25.84 -5.86 38.29
C LYS E 118 24.90 -6.93 38.85
N VAL E 119 23.61 -6.64 38.80
CA VAL E 119 22.60 -7.45 39.46
C VAL E 119 22.72 -8.93 39.13
N LEU E 120 23.05 -9.23 37.88
CA LEU E 120 23.05 -10.61 37.40
C LEU E 120 24.40 -11.29 37.50
N ASN E 121 25.42 -10.58 37.97
CA ASN E 121 26.72 -11.18 38.24
C ASN E 121 27.63 -11.30 37.03
N ASN E 122 27.92 -10.15 36.42
CA ASN E 122 28.77 -10.09 35.23
C ASN E 122 28.57 -11.30 34.31
N PRO E 123 27.35 -11.44 33.77
CA PRO E 123 27.02 -12.56 32.91
C PRO E 123 27.61 -12.31 31.53
N THR E 124 27.96 -13.38 30.82
CA THR E 124 28.65 -13.25 29.55
C THR E 124 27.90 -14.03 28.49
N THR E 125 26.86 -14.75 28.92
CA THR E 125 26.12 -15.62 28.04
C THR E 125 24.64 -15.52 28.33
N SER E 126 23.84 -15.60 27.28
CA SER E 126 22.40 -15.80 27.39
C SER E 126 22.14 -17.10 28.13
N PRO E 127 20.93 -17.26 28.69
CA PRO E 127 20.58 -18.51 29.36
C PRO E 127 20.45 -19.69 28.40
N PHE E 128 21.28 -19.73 27.37
CA PHE E 128 21.21 -20.82 26.39
C PHE E 128 22.59 -21.18 25.85
N GLY E 129 23.61 -20.44 26.28
CA GLY E 129 24.95 -20.64 25.76
C GLY E 129 25.37 -19.54 24.80
N ASN E 130 24.39 -18.76 24.34
CA ASN E 130 24.66 -17.67 23.41
C ASN E 130 25.37 -16.51 24.07
N PRO E 131 26.53 -16.13 23.51
CA PRO E 131 27.35 -15.05 24.02
C PRO E 131 26.65 -13.70 23.98
N ILE E 132 27.00 -12.82 24.91
CA ILE E 132 26.44 -11.47 24.92
C ILE E 132 27.45 -10.51 24.33
N PRO E 133 27.09 -9.87 23.21
CA PRO E 133 28.04 -9.02 22.49
C PRO E 133 28.31 -7.68 23.17
N GLY E 134 29.48 -7.10 22.88
CA GLY E 134 29.83 -5.75 23.29
C GLY E 134 29.64 -5.32 24.73
N LEU E 135 29.91 -6.23 25.67
CA LEU E 135 29.84 -5.88 27.10
C LEU E 135 30.91 -4.85 27.43
N VAL E 136 32.03 -4.90 26.70
CA VAL E 136 33.09 -3.95 26.88
C VAL E 136 32.62 -2.53 26.58
N GLU E 137 32.07 -2.29 25.40
CA GLU E 137 31.63 -0.94 25.08
C GLU E 137 30.47 -0.46 25.95
N LEU E 138 29.68 -1.39 26.50
CA LEU E 138 28.62 -1.01 27.44
C LEU E 138 29.20 -0.15 28.55
N GLY E 139 30.27 -0.66 29.18
CA GLY E 139 30.89 0.02 30.31
C GLY E 139 30.01 -0.03 31.54
N GLU F 3 8.23 6.60 19.25
CA GLU F 3 8.76 7.30 20.47
C GLU F 3 7.86 7.11 21.70
N LEU F 4 6.54 7.23 21.52
CA LEU F 4 5.58 6.78 22.53
C LEU F 4 5.56 5.25 22.64
N VAL F 5 6.18 4.59 21.66
CA VAL F 5 6.13 3.13 21.51
C VAL F 5 4.74 2.64 21.11
N ASP F 6 3.74 2.96 21.91
CA ASP F 6 2.36 2.71 21.52
C ASP F 6 1.54 3.96 21.76
N THR F 7 1.18 4.63 20.67
CA THR F 7 0.37 5.82 20.74
C THR F 7 -0.93 5.57 21.51
N THR F 8 -1.71 4.60 21.05
CA THR F 8 -3.00 4.35 21.63
C THR F 8 -2.91 4.11 23.14
N GLU F 9 -2.11 3.14 23.54
CA GLU F 9 -1.93 2.82 24.94
C GLU F 9 -1.49 4.03 25.75
N MET F 10 -0.66 4.87 25.17
CA MET F 10 -0.22 6.07 25.86
C MET F 10 -1.39 7.04 26.04
N TYR F 11 -2.25 7.14 25.05
CA TYR F 11 -3.40 8.02 25.21
C TYR F 11 -4.28 7.47 26.32
N LEU F 12 -4.42 6.15 26.36
CA LEU F 12 -5.25 5.51 27.37
C LEU F 12 -4.70 5.76 28.78
N ARG F 13 -3.44 5.41 29.01
CA ARG F 13 -2.86 5.64 30.33
C ARG F 13 -2.92 7.13 30.73
N THR F 14 -2.70 8.04 29.78
CA THR F 14 -2.71 9.46 30.08
C THR F 14 -4.09 9.86 30.56
N ILE F 15 -5.12 9.38 29.86
CA ILE F 15 -6.49 9.69 30.25
C ILE F 15 -6.75 9.13 31.64
N TYR F 16 -6.18 7.96 31.91
CA TYR F 16 -6.31 7.35 33.22
C TYR F 16 -5.64 8.19 34.30
N ASP F 17 -4.39 8.58 34.05
CA ASP F 17 -3.69 9.48 34.97
C ASP F 17 -4.52 10.70 35.32
N LEU F 18 -5.18 11.26 34.32
CA LEU F 18 -6.00 12.45 34.51
C LEU F 18 -7.19 12.16 35.42
N GLU F 19 -7.76 10.97 35.32
CA GLU F 19 -8.83 10.57 36.24
C GLU F 19 -8.26 10.44 37.64
N GLU F 20 -7.12 9.76 37.72
CA GLU F 20 -6.48 9.54 39.00
C GLU F 20 -6.23 10.85 39.69
N GLU F 21 -5.65 11.80 38.98
CA GLU F 21 -5.32 13.09 39.55
C GLU F 21 -6.55 13.98 39.74
N GLY F 22 -7.65 13.58 39.11
CA GLY F 22 -8.90 14.32 39.21
C GLY F 22 -8.96 15.55 38.34
N VAL F 23 -8.02 15.70 37.42
CA VAL F 23 -8.10 16.83 36.48
C VAL F 23 -9.05 16.53 35.32
N THR F 24 -9.72 17.57 34.84
CA THR F 24 -10.68 17.44 33.75
C THR F 24 -9.99 16.88 32.51
N PRO F 25 -10.53 15.78 31.97
CA PRO F 25 -9.95 15.07 30.82
C PRO F 25 -10.20 15.72 29.46
N LEU F 26 -9.41 16.72 29.10
CA LEU F 26 -9.56 17.34 27.79
C LEU F 26 -8.40 16.95 26.90
N ARG F 27 -8.60 17.07 25.59
CA ARG F 27 -7.55 16.84 24.61
C ARG F 27 -6.35 17.77 24.83
N ALA F 28 -6.64 19.03 25.17
CA ALA F 28 -5.56 19.98 25.41
C ALA F 28 -4.69 19.36 26.48
N ARG F 29 -5.32 18.64 27.39
CA ARG F 29 -4.62 17.98 28.48
C ARG F 29 -3.63 16.93 27.98
N ILE F 30 -4.02 16.17 26.95
CA ILE F 30 -3.13 15.17 26.37
C ILE F 30 -1.98 15.80 25.57
N ALA F 31 -2.25 16.94 24.95
CA ALA F 31 -1.22 17.63 24.18
C ALA F 31 -0.08 18.09 25.08
N GLU F 32 -0.39 18.56 26.28
CA GLU F 32 0.66 19.05 27.18
C GLU F 32 1.60 17.95 27.63
N ARG F 33 1.02 16.87 28.15
CA ARG F 33 1.79 15.76 28.71
C ARG F 33 2.53 14.94 27.66
N LEU F 34 1.89 14.65 26.55
CA LEU F 34 2.56 13.91 25.49
C LEU F 34 3.29 14.83 24.52
N ASP F 35 3.16 16.14 24.72
CA ASP F 35 3.87 17.13 23.92
C ASP F 35 3.60 17.01 22.43
N GLN F 36 2.34 16.83 22.07
CA GLN F 36 1.98 16.79 20.67
C GLN F 36 1.08 17.98 20.39
N SER F 37 0.76 18.20 19.12
CA SER F 37 -0.04 19.36 18.74
C SER F 37 -1.54 19.05 18.87
N GLY F 38 -2.34 20.11 18.98
CA GLY F 38 -3.79 19.95 19.05
C GLY F 38 -4.29 19.10 17.90
N PRO F 39 -3.95 19.50 16.65
CA PRO F 39 -4.43 18.71 15.53
C PRO F 39 -4.06 17.23 15.69
N THR F 40 -2.81 16.96 16.07
CA THR F 40 -2.34 15.59 16.24
C THR F 40 -3.18 14.80 17.23
N VAL F 41 -3.46 15.38 18.40
CA VAL F 41 -4.22 14.64 19.39
C VAL F 41 -5.70 14.47 19.02
N SER F 42 -6.29 15.49 18.40
CA SER F 42 -7.66 15.37 17.90
C SER F 42 -7.79 14.20 16.94
N GLN F 43 -6.90 14.12 15.95
CA GLN F 43 -6.92 13.00 15.00
C GLN F 43 -6.92 11.66 15.72
N THR F 44 -5.84 11.42 16.46
CA THR F 44 -5.67 10.18 17.18
C THR F 44 -6.87 9.89 18.07
N VAL F 45 -7.44 10.92 18.70
CA VAL F 45 -8.55 10.67 19.60
C VAL F 45 -9.73 10.14 18.82
N SER F 46 -10.04 10.82 17.72
CA SER F 46 -11.18 10.42 16.92
C SER F 46 -10.95 9.04 16.32
N ARG F 47 -9.69 8.65 16.13
CA ARG F 47 -9.38 7.26 15.74
C ARG F 47 -9.76 6.25 16.81
N MET F 48 -9.52 6.60 18.08
CA MET F 48 -9.82 5.72 19.20
C MET F 48 -11.32 5.67 19.42
N GLU F 49 -11.96 6.81 19.14
CA GLU F 49 -13.41 6.90 19.10
C GLU F 49 -13.96 5.93 18.05
N ARG F 50 -13.38 5.99 16.86
CA ARG F 50 -13.77 5.08 15.79
C ARG F 50 -13.68 3.63 16.26
N ASP F 51 -12.62 3.32 17.01
CA ASP F 51 -12.40 1.94 17.44
C ASP F 51 -13.07 1.63 18.79
N GLY F 52 -13.91 2.55 19.24
CA GLY F 52 -14.71 2.33 20.45
C GLY F 52 -13.92 2.25 21.75
N LEU F 53 -12.87 3.05 21.85
CA LEU F 53 -12.05 3.06 23.07
C LEU F 53 -12.49 4.19 24.00
N LEU F 54 -12.97 5.27 23.40
CA LEU F 54 -13.41 6.42 24.15
C LEU F 54 -14.47 7.16 23.36
N ARG F 55 -15.07 8.16 23.98
CA ARG F 55 -16.03 9.00 23.29
C ARG F 55 -15.95 10.43 23.81
N VAL F 56 -16.14 11.39 22.92
CA VAL F 56 -16.20 12.79 23.32
C VAL F 56 -17.64 13.13 23.67
N ALA F 57 -17.86 13.68 24.87
CA ALA F 57 -19.21 14.04 25.29
C ALA F 57 -19.66 15.34 24.66
N GLY F 58 -20.65 15.98 25.28
CA GLY F 58 -21.10 17.29 24.83
C GLY F 58 -20.13 18.38 25.24
N ASP F 59 -19.70 18.34 26.51
CA ASP F 59 -18.70 19.29 27.01
C ASP F 59 -17.28 19.00 26.52
N ARG F 60 -17.15 18.08 25.56
CA ARG F 60 -15.85 17.69 24.98
C ARG F 60 -14.99 16.91 25.97
N HIS F 61 -15.63 16.37 27.00
CA HIS F 61 -14.98 15.52 27.98
C HIS F 61 -14.65 14.17 27.34
N LEU F 62 -13.39 13.79 27.39
CA LEU F 62 -12.98 12.48 26.92
C LEU F 62 -13.26 11.48 28.01
N GLU F 63 -14.09 10.49 27.70
CA GLU F 63 -14.46 9.47 28.68
C GLU F 63 -14.19 8.09 28.09
N LEU F 64 -13.72 7.18 28.91
CA LEU F 64 -13.35 5.86 28.42
C LEU F 64 -14.54 4.92 28.38
N THR F 65 -14.60 4.09 27.35
CA THR F 65 -15.59 3.04 27.23
C THR F 65 -15.26 1.92 28.21
N GLU F 66 -16.09 0.87 28.20
CA GLU F 66 -15.83 -0.31 29.01
C GLU F 66 -14.50 -0.90 28.56
N LYS F 67 -14.42 -1.18 27.26
CA LYS F 67 -13.24 -1.73 26.63
C LYS F 67 -12.01 -0.87 26.90
N GLY F 68 -12.11 0.41 26.60
CA GLY F 68 -11.02 1.37 26.80
C GLY F 68 -10.53 1.52 28.24
N ARG F 69 -11.43 1.37 29.19
CA ARG F 69 -11.05 1.40 30.60
C ARG F 69 -10.22 0.17 30.94
N ALA F 70 -10.71 -1.00 30.55
CA ALA F 70 -9.98 -2.23 30.82
C ALA F 70 -8.55 -2.04 30.34
N LEU F 71 -8.39 -1.77 29.04
CA LEU F 71 -7.07 -1.67 28.44
C LEU F 71 -6.16 -0.73 29.22
N ALA F 72 -6.70 0.41 29.63
CA ALA F 72 -5.87 1.38 30.33
C ALA F 72 -5.37 0.78 31.64
N ILE F 73 -6.28 0.19 32.40
CA ILE F 73 -5.93 -0.40 33.67
C ILE F 73 -4.73 -1.31 33.48
N ALA F 74 -4.83 -2.19 32.49
CA ALA F 74 -3.74 -3.12 32.15
C ALA F 74 -2.39 -2.44 31.83
N VAL F 75 -2.41 -1.28 31.16
CA VAL F 75 -1.16 -0.61 30.84
C VAL F 75 -0.60 0.08 32.07
N MET F 76 -1.48 0.49 32.97
CA MET F 76 -1.06 1.11 34.23
C MET F 76 -0.50 0.03 35.15
N ARG F 77 -1.15 -1.14 35.15
CA ARG F 77 -0.67 -2.24 35.94
C ARG F 77 0.77 -2.58 35.57
N LYS F 78 1.04 -2.64 34.27
CA LYS F 78 2.38 -2.91 33.75
C LYS F 78 3.38 -1.82 34.12
N HIS F 79 3.00 -0.56 33.85
CA HIS F 79 3.85 0.60 34.16
C HIS F 79 4.36 0.60 35.59
N ARG F 80 3.50 0.23 36.53
CA ARG F 80 3.84 0.30 37.94
C ARG F 80 4.54 -0.95 38.46
N LEU F 81 4.18 -2.11 37.95
CA LEU F 81 4.94 -3.31 38.27
C LEU F 81 6.36 -3.17 37.71
N ALA F 82 6.47 -2.62 36.51
CA ALA F 82 7.77 -2.30 35.93
C ALA F 82 8.55 -1.35 36.84
N GLU F 83 7.85 -0.36 37.40
CA GLU F 83 8.49 0.58 38.32
C GLU F 83 9.01 -0.15 39.56
N ARG F 84 8.17 -0.98 40.17
CA ARG F 84 8.60 -1.81 41.31
C ARG F 84 9.87 -2.59 41.01
N LEU F 85 9.85 -3.34 39.92
CA LEU F 85 10.96 -4.19 39.51
C LEU F 85 12.23 -3.39 39.31
N LEU F 86 12.09 -2.20 38.73
CA LEU F 86 13.22 -1.35 38.42
C LEU F 86 13.89 -0.79 39.68
N VAL F 87 13.08 -0.53 40.71
CA VAL F 87 13.64 -0.05 41.99
C VAL F 87 14.10 -1.19 42.88
N ASP F 88 13.15 -2.05 43.28
CA ASP F 88 13.42 -3.12 44.26
C ASP F 88 14.50 -4.09 43.80
N VAL F 89 14.48 -4.46 42.52
CA VAL F 89 15.41 -5.47 42.03
C VAL F 89 16.59 -4.89 41.25
N ILE F 90 16.30 -4.29 40.10
CA ILE F 90 17.34 -3.81 39.20
C ILE F 90 18.22 -2.70 39.79
N GLY F 91 17.64 -1.90 40.69
CA GLY F 91 18.41 -0.88 41.38
C GLY F 91 18.72 0.30 40.48
N LEU F 92 17.82 0.58 39.54
CA LEU F 92 17.98 1.74 38.67
C LEU F 92 17.80 2.98 39.52
N PRO F 93 18.63 4.02 39.29
CA PRO F 93 18.41 5.24 40.06
C PRO F 93 16.96 5.70 40.03
N TRP F 94 16.51 6.26 41.15
CA TRP F 94 15.15 6.75 41.36
C TRP F 94 14.63 7.72 40.28
N GLU F 95 15.45 8.69 39.91
CA GLU F 95 14.96 9.75 39.04
C GLU F 95 14.78 9.31 37.59
N GLU F 96 14.89 8.00 37.35
CA GLU F 96 14.80 7.49 35.98
C GLU F 96 13.86 6.31 35.83
N VAL F 97 13.37 5.77 36.94
CA VAL F 97 12.54 4.58 36.89
C VAL F 97 11.23 4.78 36.11
N HIS F 98 10.58 5.92 36.29
CA HIS F 98 9.36 6.19 35.56
C HIS F 98 9.56 6.19 34.04
N ALA F 99 10.40 7.11 33.58
CA ALA F 99 10.74 7.22 32.16
C ALA F 99 10.97 5.86 31.52
N GLU F 100 11.76 5.03 32.17
CA GLU F 100 12.03 3.67 31.69
C GLU F 100 10.73 2.86 31.58
N ALA F 101 9.98 2.82 32.68
CA ALA F 101 8.72 2.10 32.73
C ALA F 101 7.67 2.70 31.80
N CYS F 102 7.86 3.96 31.40
CA CYS F 102 6.95 4.56 30.43
C CYS F 102 6.97 3.80 29.11
N ARG F 103 8.12 3.18 28.83
CA ARG F 103 8.34 2.38 27.64
C ARG F 103 8.02 0.90 27.87
N TRP F 104 8.51 0.35 28.98
CA TRP F 104 8.32 -1.07 29.29
C TRP F 104 6.84 -1.45 29.42
N GLU F 105 6.03 -0.50 29.87
CA GLU F 105 4.60 -0.73 30.03
C GLU F 105 3.96 -1.22 28.73
N HIS F 106 4.60 -0.89 27.61
CA HIS F 106 3.99 -1.13 26.32
C HIS F 106 4.41 -2.47 25.70
N VAL F 107 5.32 -3.20 26.35
CA VAL F 107 5.80 -4.48 25.83
C VAL F 107 5.64 -5.67 26.78
N MET F 108 5.36 -5.40 28.04
CA MET F 108 5.20 -6.43 29.04
C MET F 108 4.04 -7.37 28.75
N SER F 109 4.27 -8.67 28.89
CA SER F 109 3.22 -9.66 28.81
C SER F 109 2.58 -9.86 30.19
N GLU F 110 1.30 -10.26 30.20
CA GLU F 110 0.63 -10.65 31.44
C GLU F 110 1.39 -11.78 32.15
N ASP F 111 1.97 -12.69 31.38
CA ASP F 111 2.82 -13.72 31.94
C ASP F 111 3.86 -13.09 32.85
N VAL F 112 4.55 -12.08 32.34
CA VAL F 112 5.58 -11.40 33.10
C VAL F 112 4.97 -10.67 34.30
N GLU F 113 3.75 -10.18 34.15
CA GLU F 113 3.06 -9.50 35.24
C GLU F 113 2.77 -10.42 36.44
N ARG F 114 2.11 -11.54 36.18
CA ARG F 114 1.85 -12.50 37.23
C ARG F 114 3.13 -12.92 37.94
N ARG F 115 4.20 -13.10 37.19
CA ARG F 115 5.50 -13.45 37.78
C ARG F 115 6.02 -12.34 38.68
N LEU F 116 5.84 -11.11 38.24
CA LEU F 116 6.30 -9.99 39.04
C LEU F 116 5.57 -9.94 40.41
N VAL F 117 4.27 -10.18 40.39
CA VAL F 117 3.48 -10.20 41.63
C VAL F 117 4.13 -11.14 42.65
N LYS F 118 4.37 -12.38 42.23
CA LYS F 118 5.08 -13.34 43.08
C LYS F 118 6.45 -12.79 43.52
N VAL F 119 7.34 -12.59 42.57
CA VAL F 119 8.72 -12.21 42.88
C VAL F 119 8.83 -10.92 43.68
N LEU F 120 7.91 -9.98 43.46
CA LEU F 120 7.96 -8.72 44.19
C LEU F 120 7.20 -8.80 45.53
N ASN F 121 6.75 -9.99 45.90
CA ASN F 121 6.12 -10.23 47.21
C ASN F 121 4.75 -9.59 47.38
N ASN F 122 3.91 -9.71 46.36
CA ASN F 122 2.58 -9.09 46.34
C ASN F 122 2.67 -7.61 46.64
N PRO F 123 3.04 -6.82 45.61
CA PRO F 123 3.10 -5.37 45.78
C PRO F 123 1.73 -4.80 45.49
N THR F 124 1.47 -3.61 46.02
CA THR F 124 0.17 -2.98 45.83
C THR F 124 0.38 -1.57 45.33
N THR F 125 1.62 -1.11 45.41
CA THR F 125 1.95 0.24 45.03
C THR F 125 3.24 0.28 44.23
N SER F 126 3.36 1.27 43.35
CA SER F 126 4.62 1.60 42.73
C SER F 126 5.53 2.13 43.83
N PRO F 127 6.84 2.09 43.59
CA PRO F 127 7.80 2.69 44.52
C PRO F 127 7.49 4.16 44.83
N PHE F 128 6.79 4.86 43.95
CA PHE F 128 6.50 6.28 44.16
C PHE F 128 5.34 6.48 45.13
N GLY F 129 4.53 5.44 45.33
CA GLY F 129 3.42 5.51 46.25
C GLY F 129 2.10 5.11 45.64
N ASN F 130 1.85 5.55 44.41
CA ASN F 130 0.56 5.35 43.72
C ASN F 130 0.11 3.90 43.68
N PRO F 131 -1.21 3.65 43.76
CA PRO F 131 -1.60 2.24 43.82
C PRO F 131 -1.40 1.56 42.48
N ILE F 132 -1.54 0.24 42.46
CA ILE F 132 -1.39 -0.53 41.23
C ILE F 132 -2.72 -1.21 40.95
N PRO F 133 -3.36 -0.80 39.84
CA PRO F 133 -4.71 -1.23 39.55
C PRO F 133 -4.67 -2.55 38.82
N GLY F 134 -5.85 -3.13 38.58
CA GLY F 134 -5.96 -4.33 37.74
C GLY F 134 -5.40 -5.63 38.29
N LEU F 135 -4.95 -5.59 39.55
CA LEU F 135 -4.36 -6.76 40.18
C LEU F 135 -5.35 -7.93 40.24
N VAL F 136 -6.60 -7.63 40.57
CA VAL F 136 -7.63 -8.65 40.63
C VAL F 136 -7.89 -9.23 39.24
N GLU F 137 -8.11 -8.34 38.26
CA GLU F 137 -8.32 -8.77 36.88
C GLU F 137 -7.18 -9.68 36.43
N LEU F 138 -6.00 -9.46 36.98
CA LEU F 138 -4.81 -10.17 36.55
C LEU F 138 -4.92 -11.69 36.76
N GLY F 139 -4.89 -12.15 38.01
CA GLY F 139 -4.90 -13.58 38.31
C GLY F 139 -3.52 -14.09 38.66
#